data_5YBA
#
_entry.id   5YBA
#
_cell.length_a   37.785
_cell.length_b   78.071
_cell.length_c   117.708
_cell.angle_alpha   90.00
_cell.angle_beta   90.00
_cell.angle_gamma   90.00
#
_symmetry.space_group_name_H-M   'P 21 21 21'
#
loop_
_entity.id
_entity.type
_entity.pdbx_description
1 polymer 'Myb1 peptide'
2 polymer 'Peptidyl-prolyl cis-trans isomerase'
3 water water
#
loop_
_entity_poly.entity_id
_entity_poly.type
_entity_poly.pdbx_seq_one_letter_code
_entity_poly.pdbx_strand_id
1 'polypeptide(L)' EYGPKWNK B,D
2 'polypeptide(L)'
;GSMLKRPKTFFDISIRGDKVGKIVFELFNDIVPKTAENFRALCTGEKGIGKSGMPLSYKGTMFHRIIPQFMIQGGDFTRF
NGTGGESIYGMKFDDENFKVKHDKPGLLSMANAGPNTNGSQFFITTVETPWLDGHHCVFGQVIEGMDIVKQIESCGTESG
RPRAMCMVTDCGEMK
;
A,C
#
# COMPACT_ATOMS: atom_id res chain seq x y z
N TYR A 2 6.14 -2.65 -16.73
CA TYR A 2 6.45 -1.23 -16.84
C TYR A 2 7.61 -0.86 -15.93
N GLY A 3 8.57 -0.13 -16.49
CA GLY A 3 9.78 0.22 -15.79
C GLY A 3 11.00 -0.34 -16.47
N PRO A 4 12.15 -0.32 -15.80
CA PRO A 4 13.38 -0.81 -16.42
C PRO A 4 13.47 -2.33 -16.37
N LYS A 5 14.01 -2.90 -17.43
CA LYS A 5 14.19 -4.36 -17.54
C LYS A 5 15.59 -4.75 -17.08
N TRP A 6 15.72 -5.97 -16.55
CA TRP A 6 17.03 -6.47 -16.14
C TRP A 6 17.66 -7.24 -17.29
N ASN A 7 18.83 -6.78 -17.74
CA ASN A 7 19.69 -7.52 -18.69
C ASN A 7 21.00 -7.90 -18.01
N LEU B 4 21.68 28.55 -12.11
CA LEU B 4 20.64 28.18 -11.15
C LEU B 4 21.03 26.98 -10.28
N LYS B 5 20.51 26.97 -9.06
CA LYS B 5 20.70 25.85 -8.15
C LYS B 5 20.01 24.61 -8.70
N ARG B 6 20.51 23.44 -8.30
CA ARG B 6 19.77 22.21 -8.60
C ARG B 6 18.65 22.04 -7.58
N PRO B 7 17.41 21.82 -8.01
CA PRO B 7 16.31 21.67 -7.06
C PRO B 7 16.55 20.47 -6.16
N LYS B 8 16.06 20.58 -4.93
CA LYS B 8 16.15 19.51 -3.94
C LYS B 8 14.74 19.13 -3.50
N THR B 9 14.47 17.82 -3.47
CA THR B 9 13.16 17.32 -3.03
C THR B 9 13.37 16.20 -2.02
N PHE B 10 12.29 15.80 -1.37
CA PHE B 10 12.39 14.80 -0.32
C PHE B 10 11.17 13.89 -0.32
N PHE B 11 11.40 12.62 0.00
CA PHE B 11 10.36 11.66 0.39
C PHE B 11 10.51 11.37 1.87
N ASP B 12 9.40 11.44 2.61
CA ASP B 12 9.32 10.75 3.89
C ASP B 12 8.88 9.31 3.62
N ILE B 13 9.54 8.36 4.27
CA ILE B 13 9.38 6.94 3.97
C ILE B 13 8.94 6.20 5.22
N SER B 14 7.90 5.37 5.09
CA SER B 14 7.59 4.37 6.11
C SER B 14 7.67 3.00 5.48
N ILE B 15 8.09 2.02 6.27
CA ILE B 15 8.18 0.64 5.85
C ILE B 15 7.38 -0.19 6.83
N ARG B 16 6.47 -1.02 6.32
CA ARG B 16 5.61 -1.87 7.14
C ARG B 16 4.97 -1.06 8.26
N GLY B 17 4.59 0.18 7.93
CA GLY B 17 3.91 1.06 8.85
C GLY B 17 4.79 1.88 9.76
N ASP B 18 6.11 1.70 9.72
CA ASP B 18 7.05 2.39 10.61
C ASP B 18 7.81 3.48 9.85
N LYS B 19 7.84 4.68 10.42
CA LYS B 19 8.68 5.75 9.91
C LYS B 19 10.16 5.34 9.98
N VAL B 20 10.88 5.44 8.85
CA VAL B 20 12.30 5.08 8.83
C VAL B 20 13.20 6.24 8.43
N GLY B 21 12.64 7.40 8.03
CA GLY B 21 13.44 8.58 7.77
C GLY B 21 13.14 9.20 6.41
N LYS B 22 14.10 9.95 5.91
CA LYS B 22 13.95 10.80 4.75
C LYS B 22 14.95 10.41 3.66
N ILE B 23 14.47 10.38 2.41
CA ILE B 23 15.33 10.44 1.23
C ILE B 23 15.27 11.85 0.67
N VAL B 24 16.43 12.39 0.31
CA VAL B 24 16.54 13.71 -0.30
C VAL B 24 17.25 13.52 -1.64
N PHE B 25 16.67 14.10 -2.70
CA PHE B 25 17.22 14.04 -4.04
C PHE B 25 17.73 15.42 -4.44
N GLU B 26 18.72 15.46 -5.35
CA GLU B 26 18.97 16.67 -6.13
C GLU B 26 18.70 16.38 -7.60
N LEU B 27 18.06 17.33 -8.29
CA LEU B 27 17.57 17.12 -9.65
C LEU B 27 18.44 17.86 -10.65
N PHE B 28 18.75 17.17 -11.76
CA PHE B 28 19.69 17.70 -12.74
C PHE B 28 18.96 18.63 -13.70
N ASN B 29 18.49 19.77 -13.15
CA ASN B 29 17.80 20.73 -14.01
C ASN B 29 18.75 21.40 -15.00
N ASP B 30 20.06 21.30 -14.78
CA ASP B 30 21.05 21.80 -15.71
C ASP B 30 21.26 20.86 -16.88
N ILE B 31 20.73 19.63 -16.82
CA ILE B 31 20.96 18.64 -17.86
C ILE B 31 19.66 18.22 -18.52
N VAL B 32 18.61 17.99 -17.74
CA VAL B 32 17.31 17.55 -18.23
C VAL B 32 16.20 18.38 -17.55
N PRO B 33 16.06 19.66 -17.90
CA PRO B 33 15.14 20.53 -17.14
C PRO B 33 13.68 20.13 -17.21
N LYS B 34 13.20 19.62 -18.35
CA LYS B 34 11.81 19.19 -18.43
C LYS B 34 11.57 17.96 -17.53
N THR B 35 12.51 17.01 -17.53
CA THR B 35 12.34 15.80 -16.74
C THR B 35 12.50 16.10 -15.24
N ALA B 36 13.51 16.89 -14.88
CA ALA B 36 13.68 17.32 -13.50
C ALA B 36 12.46 18.08 -13.00
N GLU B 37 11.87 18.91 -13.86
CA GLU B 37 10.72 19.69 -13.43
C GLU B 37 9.51 18.80 -13.17
N ASN B 38 9.30 17.79 -14.02
CA ASN B 38 8.18 16.87 -13.81
C ASN B 38 8.24 16.26 -12.42
N PHE B 39 9.39 15.73 -12.04
CA PHE B 39 9.55 15.13 -10.72
C PHE B 39 9.42 16.17 -9.62
N ARG B 40 10.04 17.34 -9.79
CA ARG B 40 9.94 18.38 -8.78
C ARG B 40 8.48 18.74 -8.51
N ALA B 41 7.71 19.04 -9.56
CA ALA B 41 6.32 19.42 -9.37
C ALA B 41 5.45 18.26 -8.88
N LEU B 42 5.85 17.01 -9.15
CA LEU B 42 5.11 15.89 -8.61
C LEU B 42 5.41 15.69 -7.14
N CYS B 43 6.56 16.17 -6.67
CA CYS B 43 6.85 16.14 -5.24
C CYS B 43 6.03 17.19 -4.49
N THR B 44 5.74 18.33 -5.11
CA THR B 44 4.97 19.34 -4.39
C THR B 44 3.48 19.21 -4.61
N GLY B 45 3.06 18.53 -5.67
CA GLY B 45 1.65 18.46 -5.98
C GLY B 45 1.05 19.75 -6.51
N GLU B 46 1.88 20.74 -6.87
CA GLU B 46 1.37 22.08 -7.17
C GLU B 46 0.49 22.12 -8.41
N LYS B 47 0.57 21.14 -9.30
CA LYS B 47 -0.22 21.21 -10.52
C LYS B 47 -1.69 20.87 -10.30
N GLY B 48 -2.04 20.22 -9.19
CA GLY B 48 -3.44 19.94 -8.89
C GLY B 48 -3.87 18.57 -9.38
N ILE B 49 -5.02 18.52 -10.08
CA ILE B 49 -5.67 17.28 -10.47
C ILE B 49 -5.31 16.97 -11.93
N GLY B 50 -5.05 15.70 -12.24
CA GLY B 50 -4.63 15.31 -13.57
C GLY B 50 -5.79 14.83 -14.42
N LYS B 51 -5.45 14.42 -15.65
CA LYS B 51 -6.44 13.85 -16.55
C LYS B 51 -7.02 12.54 -16.02
N SER B 52 -6.30 11.88 -15.11
CA SER B 52 -6.79 10.70 -14.40
C SER B 52 -7.84 11.02 -13.35
N GLY B 53 -8.06 12.30 -13.03
CA GLY B 53 -8.94 12.66 -11.95
C GLY B 53 -8.34 12.58 -10.56
N MET B 54 -7.04 12.34 -10.43
CA MET B 54 -6.44 12.23 -9.12
C MET B 54 -5.26 13.20 -8.98
N PRO B 55 -4.89 13.55 -7.75
CA PRO B 55 -3.83 14.57 -7.56
C PRO B 55 -2.51 14.16 -8.19
N LEU B 56 -1.87 15.13 -8.86
CA LEU B 56 -0.53 14.96 -9.43
C LEU B 56 0.49 15.10 -8.31
N SER B 57 0.61 14.04 -7.50
CA SER B 57 1.43 14.11 -6.31
C SER B 57 1.93 12.72 -5.94
N TYR B 58 3.17 12.66 -5.44
CA TYR B 58 3.71 11.40 -4.97
C TYR B 58 3.29 11.05 -3.55
N LYS B 59 2.53 11.92 -2.88
CA LYS B 59 2.17 11.66 -1.49
C LYS B 59 1.30 10.41 -1.37
N GLY B 60 1.71 9.50 -0.50
CA GLY B 60 0.96 8.28 -0.29
C GLY B 60 1.13 7.24 -1.38
N THR B 61 2.14 7.36 -2.22
CA THR B 61 2.44 6.33 -3.20
C THR B 61 3.38 5.29 -2.59
N MET B 62 3.50 4.16 -3.28
CA MET B 62 4.26 3.02 -2.81
C MET B 62 5.42 2.73 -3.76
N PHE B 63 6.41 2.01 -3.26
CA PHE B 63 7.41 1.43 -4.15
C PHE B 63 6.86 0.06 -4.51
N HIS B 64 6.14 0.02 -5.63
CA HIS B 64 5.36 -1.15 -6.00
C HIS B 64 6.18 -2.24 -6.66
N ARG B 65 7.40 -1.95 -7.10
CA ARG B 65 8.27 -2.94 -7.71
C ARG B 65 9.66 -2.74 -7.14
N ILE B 66 10.14 -3.74 -6.39
CA ILE B 66 11.40 -3.64 -5.68
C ILE B 66 12.23 -4.86 -6.05
N ILE B 67 13.40 -4.64 -6.63
CA ILE B 67 14.24 -5.77 -7.00
C ILE B 67 15.63 -5.63 -6.40
N PRO B 68 15.98 -6.44 -5.39
CA PRO B 68 17.32 -6.35 -4.78
C PRO B 68 18.43 -6.50 -5.81
N GLN B 69 19.48 -5.69 -5.63
CA GLN B 69 20.63 -5.62 -6.53
C GLN B 69 20.23 -5.14 -7.92
N PHE B 70 19.16 -4.34 -8.00
CA PHE B 70 18.79 -3.69 -9.25
C PHE B 70 18.32 -2.27 -8.96
N MET B 71 17.07 -2.12 -8.56
CA MET B 71 16.51 -0.79 -8.39
C MET B 71 15.24 -0.91 -7.56
N ILE B 72 14.77 0.24 -7.08
CA ILE B 72 13.45 0.33 -6.48
C ILE B 72 12.65 1.35 -7.30
N GLN B 73 11.38 1.04 -7.55
CA GLN B 73 10.57 1.80 -8.50
C GLN B 73 9.25 2.20 -7.87
N GLY B 74 8.86 3.45 -8.08
CA GLY B 74 7.62 3.97 -7.53
C GLY B 74 6.98 5.00 -8.43
N GLY B 75 6.12 5.85 -7.87
CA GLY B 75 5.55 6.96 -8.59
C GLY B 75 4.16 6.74 -9.17
N ASP B 76 3.53 5.58 -8.94
CA ASP B 76 2.22 5.30 -9.54
C ASP B 76 1.13 5.84 -8.62
N PHE B 77 0.74 7.10 -8.83
CA PHE B 77 -0.29 7.69 -8.00
C PHE B 77 -1.70 7.64 -8.59
N THR B 78 -1.94 6.83 -9.63
CA THR B 78 -3.32 6.64 -10.07
C THR B 78 -3.83 5.22 -9.89
N ARG B 79 -2.94 4.23 -9.89
CA ARG B 79 -3.32 2.84 -9.70
C ARG B 79 -2.50 2.15 -8.64
N PHE B 80 -1.43 2.79 -8.15
CA PHE B 80 -0.65 2.33 -7.01
C PHE B 80 -0.02 0.95 -7.23
N ASN B 81 -0.05 0.42 -8.45
CA ASN B 81 0.46 -0.92 -8.68
C ASN B 81 1.39 -1.02 -9.88
N GLY B 82 1.78 0.08 -10.49
CA GLY B 82 2.65 0.06 -11.64
C GLY B 82 1.94 0.13 -12.97
N THR B 83 0.62 0.10 -12.98
CA THR B 83 -0.13 0.18 -14.21
C THR B 83 -0.57 1.59 -14.56
N GLY B 84 -0.22 2.58 -13.76
CA GLY B 84 -0.73 3.92 -13.97
C GLY B 84 0.30 5.01 -13.77
N GLY B 85 -0.17 6.20 -13.46
CA GLY B 85 0.69 7.36 -13.37
C GLY B 85 0.41 8.33 -14.49
N GLU B 86 0.95 9.53 -14.32
CA GLU B 86 0.69 10.62 -15.24
C GLU B 86 1.72 11.70 -14.99
N SER B 87 2.19 12.34 -16.06
CA SER B 87 3.16 13.41 -15.88
C SER B 87 2.45 14.75 -15.85
N ILE B 88 3.23 15.81 -15.56
CA ILE B 88 2.69 17.16 -15.63
C ILE B 88 2.52 17.63 -17.06
N TYR B 89 2.99 16.85 -18.05
CA TYR B 89 2.87 17.20 -19.46
C TYR B 89 1.80 16.41 -20.18
N GLY B 90 1.07 15.54 -19.49
CA GLY B 90 0.16 14.60 -20.09
C GLY B 90 0.46 13.19 -19.59
N MET B 91 -0.33 12.24 -20.12
CA MET B 91 -0.13 10.84 -19.79
C MET B 91 1.31 10.39 -20.06
N LYS B 92 1.91 10.89 -21.14
CA LYS B 92 3.28 10.52 -21.49
C LYS B 92 4.03 11.75 -22.00
N PHE B 93 5.35 11.74 -21.83
CA PHE B 93 6.17 12.77 -22.46
C PHE B 93 7.49 12.18 -22.95
N ASP B 94 8.13 12.93 -23.83
CA ASP B 94 9.25 12.42 -24.62
C ASP B 94 10.48 12.16 -23.76
N ASP B 95 11.30 11.22 -24.21
CA ASP B 95 12.66 11.15 -23.68
C ASP B 95 13.39 12.45 -24.01
N GLU B 96 13.99 13.05 -22.99
CA GLU B 96 14.62 14.36 -23.15
C GLU B 96 16.06 14.23 -23.69
N ASN B 97 16.92 13.56 -22.93
CA ASN B 97 18.23 13.17 -23.44
C ASN B 97 18.71 12.03 -22.57
N PHE B 98 19.86 11.49 -22.93
CA PHE B 98 20.47 10.38 -22.20
C PHE B 98 21.89 10.74 -21.81
N LYS B 99 22.10 12.03 -21.50
CA LYS B 99 23.44 12.52 -21.18
C LYS B 99 24.04 11.81 -19.97
N VAL B 100 23.23 11.52 -18.96
CA VAL B 100 23.71 10.93 -17.70
C VAL B 100 23.61 9.41 -17.78
N LYS B 101 24.70 8.72 -17.44
CA LYS B 101 24.76 7.26 -17.45
C LYS B 101 24.28 6.66 -16.13
N HIS B 102 23.72 5.46 -16.21
CA HIS B 102 23.36 4.67 -15.02
C HIS B 102 24.61 3.93 -14.52
N ASP B 103 25.58 4.70 -14.03
CA ASP B 103 26.88 4.15 -13.70
C ASP B 103 27.20 4.13 -12.21
N LYS B 104 26.20 4.17 -11.33
CA LYS B 104 26.43 4.24 -9.90
C LYS B 104 25.09 4.01 -9.19
N PRO B 105 25.13 3.54 -7.93
CA PRO B 105 23.89 3.42 -7.18
C PRO B 105 23.34 4.80 -6.84
N GLY B 106 22.05 4.85 -6.56
CA GLY B 106 21.44 6.09 -6.11
C GLY B 106 21.03 7.04 -7.21
N LEU B 107 21.03 6.60 -8.46
CA LEU B 107 20.57 7.46 -9.53
C LEU B 107 19.06 7.34 -9.66
N LEU B 108 18.44 8.46 -9.95
CA LEU B 108 17.01 8.58 -10.14
C LEU B 108 16.76 8.64 -11.64
N SER B 109 15.91 7.75 -12.14
CA SER B 109 15.72 7.64 -13.57
C SER B 109 14.24 7.36 -13.86
N MET B 110 13.82 7.67 -15.09
CA MET B 110 12.43 7.51 -15.48
C MET B 110 12.11 6.08 -15.89
N ALA B 111 11.09 5.50 -15.26
CA ALA B 111 10.54 4.25 -15.75
C ALA B 111 9.75 4.53 -17.02
N ASN B 112 9.72 3.56 -17.93
CA ASN B 112 8.90 3.75 -19.12
C ASN B 112 8.65 2.41 -19.78
N ALA B 113 7.81 2.44 -20.82
CA ALA B 113 7.45 1.28 -21.62
C ALA B 113 8.03 1.37 -23.03
N GLY B 114 9.20 1.98 -23.18
CA GLY B 114 9.75 2.20 -24.50
C GLY B 114 10.03 3.66 -24.76
N PRO B 115 10.46 3.99 -25.97
CA PRO B 115 10.90 5.37 -26.24
C PRO B 115 9.75 6.36 -26.13
N ASN B 116 10.05 7.50 -25.51
CA ASN B 116 9.10 8.61 -25.35
C ASN B 116 7.79 8.16 -24.71
N THR B 117 7.90 7.43 -23.57
CA THR B 117 6.71 7.04 -22.82
C THR B 117 6.87 7.32 -21.33
N ASN B 118 7.59 8.37 -20.96
CA ASN B 118 7.74 8.75 -19.57
C ASN B 118 6.41 9.22 -18.99
N GLY B 119 6.13 8.81 -17.75
CA GLY B 119 4.98 9.33 -17.06
C GLY B 119 5.36 9.95 -15.73
N SER B 120 4.91 9.31 -14.64
CA SER B 120 5.31 9.70 -13.30
C SER B 120 6.16 8.64 -12.61
N GLN B 121 6.20 7.42 -13.14
CA GLN B 121 6.98 6.39 -12.48
C GLN B 121 8.46 6.60 -12.67
N PHE B 122 9.20 6.34 -11.61
CA PHE B 122 10.62 6.57 -11.55
C PHE B 122 11.23 5.38 -10.83
N PHE B 123 12.53 5.20 -11.00
CA PHE B 123 13.21 4.23 -10.19
C PHE B 123 14.48 4.85 -9.63
N ILE B 124 14.97 4.24 -8.56
CA ILE B 124 16.25 4.60 -7.96
C ILE B 124 17.12 3.37 -8.06
N THR B 125 18.29 3.52 -8.68
CA THR B 125 19.16 2.36 -8.84
C THR B 125 19.87 2.03 -7.52
N THR B 126 20.14 0.75 -7.32
CA THR B 126 20.97 0.33 -6.19
C THR B 126 22.29 -0.27 -6.64
N VAL B 127 22.47 -0.45 -7.94
CA VAL B 127 23.72 -0.87 -8.56
C VAL B 127 23.90 -0.04 -9.83
N GLU B 128 25.11 -0.12 -10.41
CA GLU B 128 25.29 0.40 -11.76
C GLU B 128 24.48 -0.43 -12.74
N THR B 129 23.77 0.23 -13.66
CA THR B 129 22.90 -0.45 -14.61
C THR B 129 23.16 0.07 -16.02
N PRO B 130 24.33 -0.24 -16.60
CA PRO B 130 24.68 0.34 -17.90
C PRO B 130 23.78 -0.11 -19.04
N TRP B 131 23.19 -1.31 -18.96
CA TRP B 131 22.24 -1.74 -19.99
C TRP B 131 20.99 -0.88 -20.04
N LEU B 132 20.76 0.00 -19.07
CA LEU B 132 19.66 0.94 -19.14
C LEU B 132 20.01 2.24 -19.85
N ASP B 133 21.30 2.47 -20.13
CA ASP B 133 21.73 3.69 -20.81
C ASP B 133 21.14 3.77 -22.21
N GLY B 134 20.62 4.95 -22.54
CA GLY B 134 19.98 5.17 -23.81
C GLY B 134 18.53 4.76 -23.87
N HIS B 135 17.99 4.17 -22.81
CA HIS B 135 16.58 3.78 -22.76
C HIS B 135 15.78 4.47 -21.67
N HIS B 136 16.44 4.95 -20.61
CA HIS B 136 15.78 5.60 -19.49
C HIS B 136 16.55 6.88 -19.17
N CYS B 137 15.83 7.97 -18.96
CA CYS B 137 16.42 9.28 -18.74
C CYS B 137 16.78 9.43 -17.27
N VAL B 138 18.07 9.54 -16.97
CA VAL B 138 18.54 9.80 -15.61
C VAL B 138 18.44 11.29 -15.35
N PHE B 139 17.73 11.67 -14.29
CA PHE B 139 17.45 13.08 -14.06
C PHE B 139 17.79 13.59 -12.67
N GLY B 140 18.33 12.75 -11.80
CA GLY B 140 18.73 13.22 -10.48
C GLY B 140 19.45 12.13 -9.73
N GLN B 141 19.71 12.40 -8.44
CA GLN B 141 20.41 11.44 -7.62
C GLN B 141 20.06 11.65 -6.16
N VAL B 142 20.20 10.57 -5.39
CA VAL B 142 20.04 10.60 -3.94
C VAL B 142 21.23 11.30 -3.31
N ILE B 143 20.96 12.37 -2.54
CA ILE B 143 22.00 12.99 -1.74
C ILE B 143 21.87 12.70 -0.24
N GLU B 144 20.70 12.29 0.23
CA GLU B 144 20.57 11.80 1.60
C GLU B 144 19.71 10.56 1.64
N GLY B 145 20.00 9.69 2.60
CA GLY B 145 19.10 8.59 2.89
C GLY B 145 19.28 7.40 1.99
N MET B 146 20.47 7.20 1.44
CA MET B 146 20.71 6.01 0.64
C MET B 146 20.47 4.76 1.46
N ASP B 147 20.72 4.80 2.77
CA ASP B 147 20.42 3.63 3.57
C ASP B 147 18.94 3.33 3.58
N ILE B 148 18.09 4.36 3.55
CA ILE B 148 16.66 4.12 3.49
C ILE B 148 16.29 3.49 2.15
N VAL B 149 16.94 3.91 1.07
CA VAL B 149 16.80 3.21 -0.22
C VAL B 149 17.17 1.74 -0.07
N LYS B 150 18.22 1.43 0.69
CA LYS B 150 18.60 0.04 0.95
C LYS B 150 17.56 -0.67 1.80
N GLN B 151 16.95 0.03 2.75
CA GLN B 151 15.90 -0.59 3.55
C GLN B 151 14.70 -0.93 2.69
N ILE B 152 14.34 -0.05 1.75
CA ILE B 152 13.28 -0.41 0.81
C ILE B 152 13.69 -1.59 -0.05
N GLU B 153 14.91 -1.53 -0.60
CA GLU B 153 15.43 -2.62 -1.43
C GLU B 153 15.31 -3.95 -0.73
N SER B 154 15.66 -4.00 0.55
CA SER B 154 15.60 -5.25 1.31
C SER B 154 14.22 -5.86 1.42
N CYS B 155 13.16 -5.13 1.07
CA CYS B 155 11.80 -5.69 1.08
C CYS B 155 11.37 -6.28 -0.26
N GLY B 156 12.25 -6.31 -1.26
CA GLY B 156 11.88 -6.72 -2.59
C GLY B 156 12.18 -8.18 -2.87
N THR B 157 11.97 -8.57 -4.12
CA THR B 157 12.18 -9.92 -4.58
C THR B 157 12.69 -9.86 -6.02
N GLU B 158 13.17 -11.00 -6.52
CA GLU B 158 13.62 -11.06 -7.90
C GLU B 158 12.49 -10.71 -8.86
N SER B 159 11.25 -11.10 -8.56
CA SER B 159 10.14 -10.77 -9.44
C SER B 159 9.72 -9.31 -9.33
N GLY B 160 10.23 -8.57 -8.36
CA GLY B 160 9.80 -7.22 -8.12
C GLY B 160 8.68 -7.08 -7.11
N ARG B 161 8.10 -8.18 -6.66
CA ARG B 161 6.97 -8.12 -5.75
C ARG B 161 7.44 -7.70 -4.37
N PRO B 162 6.85 -6.71 -3.72
CA PRO B 162 7.30 -6.28 -2.41
C PRO B 162 6.78 -7.23 -1.35
N ARG B 163 7.60 -7.45 -0.32
CA ARG B 163 7.20 -8.27 0.81
C ARG B 163 6.76 -7.42 1.98
N ALA B 164 6.80 -6.11 1.81
CA ALA B 164 6.35 -5.15 2.81
C ALA B 164 6.04 -3.84 2.10
N MET B 165 5.09 -3.12 2.66
CA MET B 165 4.61 -1.88 2.05
C MET B 165 5.55 -0.73 2.44
N CYS B 166 6.23 -0.17 1.45
CA CYS B 166 7.13 0.97 1.62
C CYS B 166 6.45 2.18 0.99
N MET B 167 6.19 3.20 1.80
CA MET B 167 5.33 4.29 1.38
C MET B 167 6.05 5.63 1.45
N VAL B 168 5.78 6.49 0.49
CA VAL B 168 6.11 7.91 0.55
C VAL B 168 4.98 8.58 1.36
N THR B 169 5.22 8.79 2.65
CA THR B 169 4.16 9.29 3.53
C THR B 169 3.98 10.80 3.37
N ASP B 170 5.05 11.50 2.98
CA ASP B 170 4.95 12.89 2.58
C ASP B 170 6.14 13.20 1.68
N CYS B 171 6.01 14.27 0.92
CA CYS B 171 7.04 14.66 -0.03
C CYS B 171 6.92 16.14 -0.29
N GLY B 172 7.95 16.68 -0.96
CA GLY B 172 7.88 18.08 -1.33
C GLY B 172 9.25 18.55 -1.78
N GLU B 173 9.35 19.86 -1.98
CA GLU B 173 10.60 20.48 -2.36
C GLU B 173 11.20 21.18 -1.15
N MET B 174 12.52 21.12 -1.04
CA MET B 174 13.25 21.84 -0.02
C MET B 174 13.70 23.17 -0.59
N LYS B 175 13.05 24.25 -0.15
CA LYS B 175 13.42 25.59 -0.59
C LYS B 175 13.37 26.58 0.57
N GLU C 1 -11.77 -9.46 -7.04
CA GLU C 1 -13.13 -9.99 -6.94
C GLU C 1 -13.36 -10.67 -5.59
N TYR C 2 -12.27 -11.16 -5.00
CA TYR C 2 -12.35 -11.88 -3.73
C TYR C 2 -13.03 -11.03 -2.66
N GLY C 3 -13.76 -11.70 -1.78
CA GLY C 3 -14.51 -11.04 -0.73
C GLY C 3 -15.98 -10.90 -1.08
N PRO C 4 -16.71 -10.17 -0.25
CA PRO C 4 -18.16 -10.03 -0.47
C PRO C 4 -18.48 -9.38 -1.80
N LYS C 5 -19.67 -9.67 -2.33
CA LYS C 5 -20.09 -9.12 -3.61
C LYS C 5 -21.36 -8.24 -3.52
N GLY D 1 -17.25 -22.77 36.11
CA GLY D 1 -17.83 -21.95 35.05
C GLY D 1 -16.79 -21.15 34.30
N SER D 2 -17.20 -20.42 33.26
CA SER D 2 -16.28 -19.61 32.49
C SER D 2 -16.96 -18.31 32.05
N MET D 3 -16.22 -17.21 32.15
CA MET D 3 -16.79 -15.88 31.94
C MET D 3 -15.70 -14.98 31.36
N LEU D 4 -15.11 -15.42 30.25
CA LEU D 4 -14.06 -14.66 29.56
C LEU D 4 -14.71 -13.53 28.78
N LYS D 5 -14.31 -12.30 29.05
CA LYS D 5 -14.88 -11.18 28.32
C LYS D 5 -14.40 -11.16 26.88
N ARG D 6 -15.13 -10.43 26.04
CA ARG D 6 -14.80 -10.34 24.63
C ARG D 6 -13.44 -9.66 24.45
N PRO D 7 -12.58 -10.22 23.60
CA PRO D 7 -11.30 -9.54 23.31
C PRO D 7 -11.53 -8.24 22.54
N LYS D 8 -10.67 -7.26 22.83
CA LYS D 8 -10.62 -5.99 22.11
C LYS D 8 -9.27 -5.85 21.43
N THR D 9 -9.29 -5.44 20.16
CA THR D 9 -8.09 -5.23 19.37
C THR D 9 -8.17 -3.87 18.67
N PHE D 10 -7.07 -3.45 18.04
CA PHE D 10 -7.06 -2.12 17.43
C PHE D 10 -6.23 -2.10 16.16
N PHE D 11 -6.61 -1.22 15.25
CA PHE D 11 -5.79 -0.80 14.11
C PHE D 11 -5.44 0.67 14.28
N ASP D 12 -4.18 1.02 14.11
CA ASP D 12 -3.81 2.40 13.84
C ASP D 12 -3.84 2.60 12.33
N ILE D 13 -4.48 3.69 11.89
CA ILE D 13 -4.78 3.91 10.48
C ILE D 13 -4.09 5.15 9.97
N SER D 14 -3.43 5.03 8.84
CA SER D 14 -3.01 6.18 8.06
C SER D 14 -3.69 6.16 6.70
N ILE D 15 -3.95 7.34 6.18
CA ILE D 15 -4.58 7.52 4.89
C ILE D 15 -3.70 8.49 4.13
N ARG D 16 -3.23 8.08 2.95
CA ARG D 16 -2.39 8.94 2.12
C ARG D 16 -1.18 9.43 2.89
N GLY D 17 -0.66 8.58 3.79
CA GLY D 17 0.51 8.88 4.61
C GLY D 17 0.23 9.57 5.92
N ASP D 18 -0.99 10.07 6.15
CA ASP D 18 -1.35 10.85 7.33
C ASP D 18 -2.03 9.99 8.38
N LYS D 19 -1.42 9.95 9.57
CA LYS D 19 -2.05 9.45 10.79
C LYS D 19 -3.46 10.00 10.96
N VAL D 20 -4.46 9.13 11.05
CA VAL D 20 -5.82 9.59 11.29
C VAL D 20 -6.45 9.03 12.56
N GLY D 21 -5.85 8.02 13.18
CA GLY D 21 -6.41 7.56 14.44
C GLY D 21 -6.49 6.05 14.50
N LYS D 22 -7.26 5.58 15.48
CA LYS D 22 -7.32 4.18 15.88
C LYS D 22 -8.75 3.65 15.71
N ILE D 23 -8.88 2.47 15.12
CA ILE D 23 -10.12 1.71 15.15
C ILE D 23 -9.97 0.67 16.27
N VAL D 24 -11.01 0.51 17.07
CA VAL D 24 -11.02 -0.52 18.10
C VAL D 24 -12.16 -1.48 17.79
N PHE D 25 -11.89 -2.78 17.90
CA PHE D 25 -12.88 -3.82 17.68
C PHE D 25 -13.07 -4.61 18.96
N GLU D 26 -14.28 -5.12 19.15
CA GLU D 26 -14.52 -6.19 20.10
C GLU D 26 -14.88 -7.44 19.32
N LEU D 27 -14.36 -8.58 19.78
CA LEU D 27 -14.46 -9.84 19.05
C LEU D 27 -15.43 -10.77 19.77
N PHE D 28 -16.23 -11.50 19.00
CA PHE D 28 -17.31 -12.31 19.57
C PHE D 28 -16.80 -13.72 19.87
N ASN D 29 -15.88 -13.80 20.85
CA ASN D 29 -15.40 -15.10 21.28
C ASN D 29 -16.51 -15.94 21.90
N ASP D 30 -17.59 -15.30 22.37
CA ASP D 30 -18.71 -16.02 22.95
C ASP D 30 -19.58 -16.70 21.90
N ILE D 31 -19.42 -16.33 20.62
CA ILE D 31 -20.28 -16.83 19.53
C ILE D 31 -19.46 -17.58 18.51
N VAL D 32 -18.37 -16.99 18.03
CA VAL D 32 -17.51 -17.61 17.02
C VAL D 32 -16.08 -17.62 17.53
N PRO D 33 -15.77 -18.48 18.51
CA PRO D 33 -14.43 -18.42 19.13
C PRO D 33 -13.28 -18.69 18.16
N LYS D 34 -13.45 -19.61 17.22
CA LYS D 34 -12.34 -19.94 16.31
C LYS D 34 -12.06 -18.77 15.37
N THR D 35 -13.10 -18.22 14.77
CA THR D 35 -12.93 -17.09 13.87
C THR D 35 -12.39 -15.89 14.63
N ALA D 36 -12.97 -15.61 15.80
CA ALA D 36 -12.51 -14.52 16.65
C ALA D 36 -11.04 -14.68 17.01
N GLU D 37 -10.62 -15.91 17.32
CA GLU D 37 -9.24 -16.12 17.72
C GLU D 37 -8.27 -15.82 16.58
N ASN D 38 -8.60 -16.28 15.37
CA ASN D 38 -7.77 -16.01 14.20
C ASN D 38 -7.49 -14.51 14.04
N PHE D 39 -8.53 -13.70 14.08
CA PHE D 39 -8.37 -12.25 13.94
C PHE D 39 -7.58 -11.67 15.11
N ARG D 40 -7.91 -12.09 16.35
CA ARG D 40 -7.15 -11.63 17.49
C ARG D 40 -5.67 -11.91 17.30
N ALA D 41 -5.34 -13.13 16.87
CA ALA D 41 -3.94 -13.49 16.79
C ALA D 41 -3.25 -12.79 15.63
N LEU D 42 -3.98 -12.49 14.56
CA LEU D 42 -3.36 -11.73 13.48
C LEU D 42 -3.19 -10.27 13.86
N CYS D 43 -3.89 -9.79 14.89
CA CYS D 43 -3.64 -8.44 15.37
C CYS D 43 -2.38 -8.38 16.20
N THR D 44 -2.15 -9.38 17.06
CA THR D 44 -0.93 -9.34 17.88
C THR D 44 0.28 -9.81 17.11
N GLY D 45 0.10 -10.66 16.11
CA GLY D 45 1.23 -11.24 15.40
C GLY D 45 1.94 -12.36 16.14
N GLU D 46 1.35 -12.87 17.23
CA GLU D 46 2.04 -13.80 18.12
C GLU D 46 2.39 -15.13 17.45
N LYS D 47 1.73 -15.50 16.35
CA LYS D 47 1.99 -16.82 15.78
C LYS D 47 3.29 -16.86 14.99
N GLY D 48 3.92 -15.71 14.76
CA GLY D 48 5.21 -15.67 14.09
C GLY D 48 5.06 -15.68 12.59
N ILE D 49 5.77 -16.58 11.92
CA ILE D 49 5.91 -16.60 10.48
C ILE D 49 4.98 -17.66 9.92
N GLY D 50 4.30 -17.33 8.83
CA GLY D 50 3.34 -18.26 8.26
C GLY D 50 3.96 -19.15 7.20
N LYS D 51 3.10 -20.00 6.64
CA LYS D 51 3.54 -20.88 5.56
C LYS D 51 3.88 -20.09 4.31
N SER D 52 3.33 -18.88 4.18
CA SER D 52 3.74 -17.95 3.14
C SER D 52 5.17 -17.47 3.31
N GLY D 53 5.80 -17.71 4.45
CA GLY D 53 7.08 -17.12 4.74
C GLY D 53 7.01 -15.71 5.31
N MET D 54 5.83 -15.12 5.41
CA MET D 54 5.66 -13.76 5.87
C MET D 54 4.98 -13.73 7.22
N PRO D 55 5.15 -12.66 8.00
CA PRO D 55 4.60 -12.63 9.36
C PRO D 55 3.08 -12.77 9.36
N LEU D 56 2.58 -13.58 10.29
CA LEU D 56 1.14 -13.72 10.47
C LEU D 56 0.61 -12.50 11.21
N SER D 57 0.45 -11.39 10.50
CA SER D 57 0.18 -10.13 11.18
C SER D 57 -0.47 -9.14 10.22
N TYR D 58 -1.38 -8.33 10.76
CA TYR D 58 -2.00 -7.30 9.96
C TYR D 58 -1.17 -6.02 9.88
N LYS D 59 -0.04 -5.94 10.57
CA LYS D 59 0.73 -4.70 10.56
C LYS D 59 1.25 -4.41 9.17
N GLY D 60 1.06 -3.17 8.71
CA GLY D 60 1.51 -2.77 7.40
C GLY D 60 0.62 -3.20 6.24
N THR D 61 -0.56 -3.74 6.50
CA THR D 61 -1.44 -4.13 5.42
C THR D 61 -2.30 -2.94 4.99
N MET D 62 -2.96 -3.09 3.86
CA MET D 62 -3.80 -2.04 3.31
C MET D 62 -5.27 -2.46 3.30
N PHE D 63 -6.14 -1.49 3.05
CA PHE D 63 -7.52 -1.74 2.68
C PHE D 63 -7.52 -1.68 1.16
N HIS D 64 -7.43 -2.86 0.55
CA HIS D 64 -7.15 -2.98 -0.87
C HIS D 64 -8.41 -2.91 -1.71
N ARG D 65 -9.57 -3.03 -1.08
CA ARG D 65 -10.84 -2.95 -1.79
C ARG D 65 -11.79 -2.14 -0.92
N ILE D 66 -12.23 -0.99 -1.43
CA ILE D 66 -13.02 -0.03 -0.68
C ILE D 66 -14.23 0.30 -1.53
N ILE D 67 -15.43 -0.04 -1.05
CA ILE D 67 -16.62 0.28 -1.82
C ILE D 67 -17.57 1.16 -1.01
N PRO D 68 -17.73 2.44 -1.36
CA PRO D 68 -18.62 3.32 -0.59
C PRO D 68 -20.03 2.76 -0.49
N GLN D 69 -20.65 2.98 0.68
CA GLN D 69 -22.00 2.51 1.00
C GLN D 69 -22.11 1.00 0.90
N PHE D 70 -21.01 0.31 1.20
CA PHE D 70 -20.97 -1.14 1.24
C PHE D 70 -20.01 -1.60 2.34
N MET D 71 -18.70 -1.58 2.07
CA MET D 71 -17.76 -2.09 3.05
C MET D 71 -16.34 -1.68 2.65
N ILE D 72 -15.42 -1.86 3.59
CA ILE D 72 -14.00 -1.68 3.36
C ILE D 72 -13.34 -3.00 3.70
N GLN D 73 -12.38 -3.42 2.87
CA GLN D 73 -11.81 -4.77 2.98
C GLN D 73 -10.30 -4.69 3.02
N GLY D 74 -9.70 -5.47 3.94
CA GLY D 74 -8.26 -5.54 4.09
C GLY D 74 -7.81 -6.92 4.55
N GLY D 75 -6.61 -6.98 5.14
CA GLY D 75 -6.11 -8.20 5.72
C GLY D 75 -5.20 -9.06 4.86
N ASP D 76 -4.88 -8.64 3.63
CA ASP D 76 -4.00 -9.44 2.78
C ASP D 76 -2.55 -9.09 3.08
N PHE D 77 -1.92 -9.85 3.98
CA PHE D 77 -0.53 -9.59 4.33
C PHE D 77 0.49 -10.43 3.55
N THR D 78 0.06 -11.20 2.55
CA THR D 78 1.04 -11.91 1.73
C THR D 78 1.15 -11.37 0.31
N ARG D 79 0.06 -10.81 -0.25
CA ARG D 79 0.11 -10.21 -1.58
C ARG D 79 -0.44 -8.79 -1.64
N PHE D 80 -1.01 -8.27 -0.55
CA PHE D 80 -1.38 -6.87 -0.41
C PHE D 80 -2.34 -6.39 -1.50
N ASN D 81 -2.96 -7.29 -2.24
CA ASN D 81 -3.87 -6.87 -3.29
C ASN D 81 -5.15 -7.69 -3.31
N GLY D 82 -5.37 -8.56 -2.32
CA GLY D 82 -6.59 -9.33 -2.27
C GLY D 82 -6.45 -10.74 -2.78
N THR D 83 -5.29 -11.11 -3.32
CA THR D 83 -5.06 -12.44 -3.81
C THR D 83 -4.42 -13.35 -2.78
N GLY D 84 -3.99 -12.79 -1.65
CA GLY D 84 -3.24 -13.55 -0.68
C GLY D 84 -3.84 -13.51 0.70
N GLY D 85 -3.01 -13.82 1.69
CA GLY D 85 -3.43 -13.98 3.07
C GLY D 85 -3.51 -15.43 3.47
N GLU D 86 -3.42 -15.67 4.79
CA GLU D 86 -3.57 -17.00 5.36
C GLU D 86 -4.03 -16.88 6.81
N SER D 87 -4.69 -17.92 7.29
CA SER D 87 -5.18 -17.94 8.66
C SER D 87 -4.17 -18.62 9.58
N ILE D 88 -4.46 -18.57 10.88
CA ILE D 88 -3.62 -19.23 11.87
C ILE D 88 -3.88 -20.73 11.87
N TYR D 89 -4.87 -21.17 11.08
CA TYR D 89 -5.20 -22.60 10.99
C TYR D 89 -4.73 -23.23 9.68
N GLY D 90 -4.00 -22.50 8.86
CA GLY D 90 -3.61 -22.95 7.53
C GLY D 90 -4.05 -21.97 6.48
N MET D 91 -3.95 -22.40 5.22
CA MET D 91 -4.31 -21.53 4.10
C MET D 91 -5.77 -21.09 4.20
N LYS D 92 -6.65 -21.98 4.66
CA LYS D 92 -8.06 -21.64 4.81
C LYS D 92 -8.64 -22.44 5.97
N PHE D 93 -9.80 -21.99 6.44
CA PHE D 93 -10.55 -22.71 7.45
C PHE D 93 -12.04 -22.55 7.20
N ASP D 94 -12.82 -23.46 7.77
CA ASP D 94 -14.25 -23.57 7.45
C ASP D 94 -15.06 -22.44 8.08
N ASP D 95 -16.20 -22.16 7.47
CA ASP D 95 -17.18 -21.28 8.09
C ASP D 95 -17.62 -21.85 9.43
N GLU D 96 -17.48 -21.05 10.49
CA GLU D 96 -17.78 -21.52 11.84
C GLU D 96 -19.27 -21.61 12.08
N ASN D 97 -19.97 -20.48 12.02
CA ASN D 97 -21.42 -20.46 12.00
C ASN D 97 -21.84 -19.13 11.36
N PHE D 98 -23.14 -18.95 11.24
CA PHE D 98 -23.71 -17.74 10.67
C PHE D 98 -24.71 -17.12 11.65
N LYS D 99 -24.39 -17.20 12.94
CA LYS D 99 -25.35 -16.78 13.96
C LYS D 99 -25.55 -15.26 13.97
N VAL D 100 -24.46 -14.49 13.87
CA VAL D 100 -24.55 -13.03 13.85
C VAL D 100 -24.89 -12.57 12.44
N LYS D 101 -25.87 -11.66 12.32
CA LYS D 101 -26.37 -11.15 11.06
C LYS D 101 -25.71 -9.83 10.70
N HIS D 102 -25.57 -9.58 9.39
CA HIS D 102 -25.06 -8.30 8.88
C HIS D 102 -26.19 -7.26 8.91
N ASP D 103 -26.60 -6.87 10.11
CA ASP D 103 -27.80 -6.06 10.22
C ASP D 103 -27.55 -4.62 10.67
N LYS D 104 -26.29 -4.17 10.70
CA LYS D 104 -25.98 -2.80 11.09
C LYS D 104 -24.59 -2.47 10.57
N PRO D 105 -24.25 -1.19 10.43
CA PRO D 105 -22.90 -0.82 9.99
C PRO D 105 -21.87 -1.10 11.08
N GLY D 106 -20.62 -1.23 10.65
CA GLY D 106 -19.53 -1.43 11.59
C GLY D 106 -19.35 -2.84 12.09
N LEU D 107 -19.90 -3.82 11.39
CA LEU D 107 -19.66 -5.22 11.72
C LEU D 107 -18.39 -5.70 11.03
N LEU D 108 -17.65 -6.55 11.74
CA LEU D 108 -16.42 -7.20 11.26
C LEU D 108 -16.80 -8.56 10.71
N SER D 109 -16.44 -8.86 9.47
CA SER D 109 -16.88 -10.09 8.85
C SER D 109 -15.79 -10.68 7.98
N MET D 110 -15.81 -12.00 7.83
CA MET D 110 -14.78 -12.67 7.05
C MET D 110 -15.06 -12.56 5.56
N ALA D 111 -14.09 -12.08 4.80
CA ALA D 111 -14.10 -12.20 3.35
C ALA D 111 -13.76 -13.64 2.98
N ASN D 112 -14.39 -14.14 1.92
CA ASN D 112 -14.08 -15.48 1.43
C ASN D 112 -14.30 -15.51 -0.07
N ALA D 113 -13.98 -16.64 -0.68
CA ALA D 113 -14.23 -16.88 -2.10
C ALA D 113 -15.24 -18.00 -2.27
N GLY D 114 -16.23 -18.07 -1.38
CA GLY D 114 -17.18 -19.14 -1.35
C GLY D 114 -17.09 -19.92 -0.06
N PRO D 115 -17.89 -20.98 0.05
CA PRO D 115 -17.98 -21.72 1.32
C PRO D 115 -16.64 -22.26 1.79
N ASN D 116 -16.40 -22.15 3.10
CA ASN D 116 -15.25 -22.74 3.78
C ASN D 116 -13.91 -22.35 3.15
N THR D 117 -13.76 -21.08 2.78
CA THR D 117 -12.47 -20.58 2.29
C THR D 117 -12.04 -19.34 3.07
N ASN D 118 -12.32 -19.28 4.36
CA ASN D 118 -11.85 -18.16 5.18
C ASN D 118 -10.33 -18.18 5.34
N GLY D 119 -9.69 -17.04 5.15
CA GLY D 119 -8.28 -16.94 5.43
C GLY D 119 -7.96 -15.87 6.45
N SER D 120 -7.29 -14.80 6.03
CA SER D 120 -7.02 -13.67 6.90
C SER D 120 -7.78 -12.42 6.50
N GLN D 121 -8.36 -12.37 5.31
CA GLN D 121 -9.02 -11.17 4.83
C GLN D 121 -10.39 -10.99 5.49
N PHE D 122 -10.70 -9.75 5.82
CA PHE D 122 -11.89 -9.38 6.55
C PHE D 122 -12.50 -8.14 5.90
N PHE D 123 -13.73 -7.82 6.23
CA PHE D 123 -14.25 -6.52 5.84
C PHE D 123 -15.03 -5.92 7.00
N ILE D 124 -15.26 -4.62 6.89
CA ILE D 124 -16.05 -3.87 7.85
C ILE D 124 -17.20 -3.23 7.09
N THR D 125 -18.43 -3.60 7.44
CA THR D 125 -19.58 -3.04 6.78
C THR D 125 -19.75 -1.56 7.14
N THR D 126 -20.22 -0.77 6.17
CA THR D 126 -20.63 0.58 6.45
C THR D 126 -22.13 0.76 6.30
N VAL D 127 -22.84 -0.27 5.86
CA VAL D 127 -24.29 -0.32 5.80
C VAL D 127 -24.75 -1.72 6.25
N GLU D 128 -26.06 -1.86 6.39
CA GLU D 128 -26.67 -3.19 6.49
C GLU D 128 -26.41 -3.95 5.20
N THR D 129 -25.91 -5.17 5.33
CA THR D 129 -25.68 -6.03 4.17
C THR D 129 -26.31 -7.40 4.43
N PRO D 130 -27.63 -7.46 4.61
CA PRO D 130 -28.27 -8.74 4.94
C PRO D 130 -28.14 -9.83 3.87
N TRP D 131 -27.89 -9.46 2.61
CA TRP D 131 -27.67 -10.46 1.57
C TRP D 131 -26.34 -11.20 1.72
N LEU D 132 -25.52 -10.89 2.72
CA LEU D 132 -24.33 -11.66 3.02
C LEU D 132 -24.55 -12.64 4.19
N ASP D 133 -25.72 -12.59 4.82
CA ASP D 133 -26.04 -13.55 5.87
C ASP D 133 -26.06 -14.97 5.32
N GLY D 134 -25.41 -15.90 6.03
CA GLY D 134 -25.29 -17.26 5.59
C GLY D 134 -24.09 -17.53 4.69
N HIS D 135 -23.38 -16.49 4.27
CA HIS D 135 -22.20 -16.66 3.42
C HIS D 135 -20.93 -16.06 3.99
N HIS D 136 -21.03 -15.10 4.91
CA HIS D 136 -19.85 -14.53 5.53
C HIS D 136 -20.05 -14.56 7.04
N CYS D 137 -19.03 -15.02 7.75
CA CYS D 137 -19.14 -15.22 9.19
C CYS D 137 -18.81 -13.91 9.91
N VAL D 138 -19.79 -13.36 10.61
CA VAL D 138 -19.57 -12.14 11.37
C VAL D 138 -19.00 -12.49 12.73
N PHE D 139 -17.90 -11.82 13.11
CA PHE D 139 -17.16 -12.21 14.29
C PHE D 139 -16.78 -11.05 15.20
N GLY D 140 -17.12 -9.82 14.84
CA GLY D 140 -16.79 -8.75 15.74
C GLY D 140 -17.52 -7.49 15.31
N GLN D 141 -17.26 -6.42 16.02
CA GLN D 141 -17.86 -5.14 15.67
C GLN D 141 -16.93 -4.01 16.10
N VAL D 142 -17.07 -2.87 15.41
CA VAL D 142 -16.30 -1.69 15.75
C VAL D 142 -16.94 -1.02 16.95
N ILE D 143 -16.13 -0.68 17.95
CA ILE D 143 -16.61 0.03 19.13
C ILE D 143 -15.97 1.39 19.31
N GLU D 144 -14.89 1.70 18.57
CA GLU D 144 -14.33 3.04 18.52
C GLU D 144 -13.77 3.26 17.12
N GLY D 145 -13.90 4.50 16.63
CA GLY D 145 -13.28 4.85 15.37
C GLY D 145 -14.10 4.54 14.15
N MET D 146 -15.42 4.47 14.28
CA MET D 146 -16.27 4.34 13.11
C MET D 146 -16.06 5.49 12.15
N ASP D 147 -15.65 6.65 12.65
CA ASP D 147 -15.39 7.76 11.76
C ASP D 147 -14.16 7.50 10.90
N ILE D 148 -13.17 6.80 11.44
CA ILE D 148 -12.01 6.43 10.63
C ILE D 148 -12.43 5.43 9.57
N VAL D 149 -13.34 4.53 9.92
CA VAL D 149 -13.91 3.61 8.93
C VAL D 149 -14.51 4.39 7.78
N LYS D 150 -15.27 5.45 8.09
CA LYS D 150 -15.86 6.28 7.04
C LYS D 150 -14.80 7.04 6.25
N GLN D 151 -13.71 7.46 6.89
CA GLN D 151 -12.65 8.14 6.15
C GLN D 151 -12.00 7.19 5.16
N ILE D 152 -11.81 5.93 5.55
CA ILE D 152 -11.33 4.92 4.62
C ILE D 152 -12.34 4.72 3.49
N GLU D 153 -13.62 4.60 3.86
CA GLU D 153 -14.68 4.38 2.89
C GLU D 153 -14.71 5.49 1.85
N SER D 154 -14.40 6.71 2.27
CA SER D 154 -14.42 7.85 1.37
C SER D 154 -13.34 7.80 0.30
N CYS D 155 -12.34 6.93 0.43
CA CYS D 155 -11.33 6.72 -0.60
C CYS D 155 -11.74 5.66 -1.60
N GLY D 156 -12.98 5.17 -1.53
CA GLY D 156 -13.39 4.05 -2.35
C GLY D 156 -13.97 4.47 -3.68
N THR D 157 -14.25 3.45 -4.50
CA THR D 157 -14.94 3.63 -5.76
C THR D 157 -15.96 2.49 -5.89
N GLU D 158 -16.81 2.59 -6.91
CA GLU D 158 -17.77 1.54 -7.19
C GLU D 158 -17.07 0.22 -7.45
N SER D 159 -15.95 0.26 -8.15
CA SER D 159 -15.20 -0.95 -8.45
C SER D 159 -14.49 -1.54 -7.23
N GLY D 160 -14.38 -0.79 -6.14
CA GLY D 160 -13.56 -1.18 -5.02
C GLY D 160 -12.12 -0.73 -5.12
N ARG D 161 -11.69 -0.30 -6.30
CA ARG D 161 -10.34 0.23 -6.46
C ARG D 161 -10.15 1.43 -5.54
N PRO D 162 -9.10 1.45 -4.73
CA PRO D 162 -8.88 2.61 -3.84
C PRO D 162 -8.29 3.79 -4.59
N ARG D 163 -8.71 4.99 -4.18
CA ARG D 163 -8.15 6.24 -4.68
C ARG D 163 -7.04 6.79 -3.78
N ALA D 164 -6.88 6.24 -2.58
CA ALA D 164 -5.79 6.62 -1.70
C ALA D 164 -5.40 5.40 -0.89
N MET D 165 -4.16 5.38 -0.40
CA MET D 165 -3.62 4.24 0.32
C MET D 165 -3.98 4.34 1.80
N CYS D 166 -4.79 3.41 2.28
CA CYS D 166 -5.21 3.37 3.68
C CYS D 166 -4.53 2.18 4.34
N MET D 167 -3.70 2.45 5.34
CA MET D 167 -2.83 1.41 5.88
C MET D 167 -3.10 1.18 7.36
N VAL D 168 -3.03 -0.09 7.76
CA VAL D 168 -2.91 -0.43 9.17
C VAL D 168 -1.45 -0.28 9.55
N THR D 169 -1.07 0.86 10.14
CA THR D 169 0.35 1.10 10.45
C THR D 169 0.81 0.33 11.66
N ASP D 170 -0.08 0.10 12.62
CA ASP D 170 0.20 -0.73 13.78
C ASP D 170 -1.08 -1.40 14.20
N CYS D 171 -0.94 -2.52 14.91
CA CYS D 171 -2.13 -3.22 15.37
C CYS D 171 -1.75 -4.07 16.55
N GLY D 172 -2.76 -4.48 17.31
CA GLY D 172 -2.51 -5.33 18.45
C GLY D 172 -3.78 -5.57 19.23
N GLU D 173 -3.63 -6.26 20.35
CA GLU D 173 -4.72 -6.48 21.28
C GLU D 173 -4.53 -5.56 22.48
N MET D 174 -5.65 -5.07 23.03
CA MET D 174 -5.63 -4.32 24.28
C MET D 174 -5.92 -5.30 25.41
N LYS D 175 -4.91 -5.61 26.21
CA LYS D 175 -5.10 -6.56 27.32
C LYS D 175 -4.89 -5.90 28.68
#